data_6BB9
#
_entry.id   6BB9
#
_cell.length_a   87.250
_cell.length_b   87.250
_cell.length_c   308.949
_cell.angle_alpha   90.00
_cell.angle_beta   90.00
_cell.angle_gamma   120.00
#
_symmetry.space_group_name_H-M   'P 61 2 2'
#
loop_
_entity.id
_entity.type
_entity.pdbx_description
1 polymer '4-amino-4-deoxychorismate lyase'
2 non-polymer '2-(N-MORPHOLINO)-ETHANESULFONIC ACID'
3 non-polymer 'SULFATE ION'
4 non-polymer 'CHLORIDE ION'
5 non-polymer 1,2-ETHANEDIOL
6 water water
#
_entity_poly.entity_id   1
_entity_poly.type   'polypeptide(L)'
_entity_poly.pdbx_seq_one_letter_code
;SNAMFLINGHAQDQLAVSDRATQFGDGSFTTARIVDGNICHLEAHLQRLQVACEKLRIAFSHWSTLRQEMTMLATGHDSG
VLKVIISRGSGGRGYSAMNCQAATRILSVSAYPAYYSQWRKQGITLTLSPIPLGRNPYLAGLKHLNRLEQVLIRSHLEQT
DADEALVLDSEGWVTECCAANLFWRTGDIVFTPRLDQAGVNGIMRQFCLRQLAQSPFQVLEVQAREEAVRQADEIIICNA
LMPIIPIRAYHGTSYSSRTLFQFLAPFCEHPN
;
_entity_poly.pdbx_strand_id   A,B
#
loop_
_chem_comp.id
_chem_comp.type
_chem_comp.name
_chem_comp.formula
CL non-polymer 'CHLORIDE ION' 'Cl -1'
EDO non-polymer 1,2-ETHANEDIOL 'C2 H6 O2'
MES non-polymer '2-(N-MORPHOLINO)-ETHANESULFONIC ACID' 'C6 H13 N O4 S'
SO4 non-polymer 'SULFATE ION' 'O4 S -2'
#
# COMPACT_ATOMS: atom_id res chain seq x y z
N ALA A 3 16.20 9.19 18.07
CA ALA A 3 14.83 9.19 17.55
C ALA A 3 13.89 8.39 18.46
N MET A 4 13.16 9.08 19.33
CA MET A 4 12.36 8.43 20.37
C MET A 4 10.87 8.64 20.13
N PHE A 5 10.11 7.55 20.30
CA PHE A 5 8.68 7.46 20.06
C PHE A 5 7.97 7.04 21.35
N LEU A 6 6.64 7.13 21.35
CA LEU A 6 5.81 6.50 22.38
C LEU A 6 5.02 5.37 21.73
N ILE A 7 5.37 4.13 22.07
CA ILE A 7 4.76 2.94 21.48
C ILE A 7 3.97 2.23 22.57
N ASN A 8 2.66 2.17 22.39
CA ASN A 8 1.74 1.61 23.40
C ASN A 8 2.04 2.19 24.78
N GLY A 9 2.31 3.49 24.82
CA GLY A 9 2.57 4.22 26.04
C GLY A 9 3.99 4.15 26.55
N HIS A 10 4.88 3.44 25.85
CA HIS A 10 6.24 3.20 26.32
C HIS A 10 7.22 3.92 25.41
N ALA A 11 8.16 4.65 26.02
CA ALA A 11 9.18 5.43 25.31
C ALA A 11 10.23 4.48 24.71
N GLN A 12 10.16 4.28 23.39
CA GLN A 12 11.04 3.35 22.68
C GLN A 12 11.42 3.93 21.32
N ASP A 13 12.55 3.46 20.79
CA ASP A 13 12.96 3.78 19.43
C ASP A 13 12.82 2.61 18.47
N GLN A 14 12.33 1.46 18.94
CA GLN A 14 12.22 0.26 18.11
C GLN A 14 10.84 -0.35 18.28
N LEU A 15 10.46 -1.13 17.28
CA LEU A 15 9.18 -1.82 17.22
C LEU A 15 9.42 -3.26 16.82
N ALA A 16 8.59 -4.16 17.36
CA ALA A 16 8.69 -5.58 16.98
C ALA A 16 8.58 -5.74 15.46
N VAL A 17 9.49 -6.51 14.88
CA VAL A 17 9.49 -6.70 13.43
C VAL A 17 8.21 -7.38 12.99
N SER A 18 7.61 -8.20 13.86
CA SER A 18 6.37 -8.89 13.50
C SER A 18 5.21 -7.94 13.23
N ASP A 19 5.29 -6.67 13.64
CA ASP A 19 4.16 -5.74 13.54
C ASP A 19 3.69 -5.65 12.10
N ARG A 20 2.37 -5.67 11.90
CA ARG A 20 1.87 -5.74 10.54
C ARG A 20 1.95 -4.40 9.82
N ALA A 21 2.27 -3.31 10.53
CA ALA A 21 2.63 -2.08 9.82
C ALA A 21 3.88 -2.31 8.99
N THR A 22 4.87 -2.98 9.59
CA THR A 22 6.11 -3.30 8.89
C THR A 22 5.92 -4.41 7.86
N GLN A 23 5.01 -5.35 8.11
CA GLN A 23 4.84 -6.44 7.16
C GLN A 23 4.00 -6.04 5.95
N PHE A 24 2.87 -5.35 6.18
CA PHE A 24 1.90 -5.11 5.13
C PHE A 24 1.40 -3.68 5.03
N GLY A 25 1.97 -2.74 5.79
CA GLY A 25 1.34 -1.45 5.91
C GLY A 25 -0.05 -1.53 6.49
N ASP A 26 -0.29 -2.49 7.39
CA ASP A 26 -1.62 -2.80 7.89
C ASP A 26 -2.00 -1.83 9.01
N GLY A 27 -2.36 -0.61 8.59
CA GLY A 27 -2.88 0.37 9.52
C GLY A 27 -3.02 1.72 8.84
N SER A 28 -3.11 2.76 9.67
CA SER A 28 -3.31 4.12 9.18
C SER A 28 -2.62 5.12 10.09
N PHE A 29 -2.62 6.37 9.67
CA PHE A 29 -1.93 7.41 10.44
C PHE A 29 -2.57 8.77 10.23
N THR A 30 -2.05 9.74 10.97
CA THR A 30 -2.46 11.12 10.89
C THR A 30 -1.28 11.98 11.34
N THR A 31 -1.23 13.19 10.82
CA THR A 31 -0.14 14.13 11.06
C THR A 31 -0.77 15.46 11.41
N ALA A 32 -0.56 15.92 12.65
CA ALA A 32 -1.24 17.08 13.17
C ALA A 32 -0.25 18.19 13.48
N ARG A 33 -0.71 19.42 13.33
CA ARG A 33 0.12 20.57 13.65
C ARG A 33 -0.04 20.94 15.13
N ILE A 34 1.06 21.38 15.74
CA ILE A 34 1.06 21.86 17.11
C ILE A 34 1.36 23.35 17.09
N VAL A 35 0.54 24.12 17.79
CA VAL A 35 0.76 25.56 17.98
C VAL A 35 0.58 25.87 19.45
N ASP A 36 1.62 26.42 20.08
CA ASP A 36 1.57 26.81 21.50
C ASP A 36 1.17 25.63 22.39
N GLY A 37 1.77 24.47 22.16
CA GLY A 37 1.44 23.30 22.94
C GLY A 37 0.05 22.73 22.74
N ASN A 38 -0.74 23.28 21.82
CA ASN A 38 -2.06 22.74 21.50
C ASN A 38 -2.04 22.04 20.15
N ILE A 39 -2.77 20.94 20.05
CA ILE A 39 -2.89 20.18 18.82
C ILE A 39 -4.04 20.77 18.01
N CYS A 40 -3.73 21.27 16.81
CA CYS A 40 -4.75 21.87 15.96
C CYS A 40 -5.70 20.80 15.42
N HIS A 41 -7.01 21.05 15.54
CA HIS A 41 -8.04 20.15 15.02
C HIS A 41 -7.93 18.77 15.66
N LEU A 42 -7.59 18.74 16.95
CA LEU A 42 -7.34 17.48 17.65
C LEU A 42 -8.49 16.50 17.46
N GLU A 43 -9.72 16.97 17.64
CA GLU A 43 -10.89 16.10 17.53
C GLU A 43 -11.01 15.50 16.14
N ALA A 44 -10.72 16.29 15.10
CA ALA A 44 -10.80 15.78 13.73
C ALA A 44 -9.74 14.73 13.47
N HIS A 45 -8.61 14.79 14.17
CA HIS A 45 -7.57 13.79 13.99
C HIS A 45 -7.96 12.47 14.65
N LEU A 46 -8.55 12.54 15.85
CA LEU A 46 -9.03 11.32 16.48
C LEU A 46 -10.15 10.70 15.65
N GLN A 47 -11.02 11.54 15.07
CA GLN A 47 -12.13 11.03 14.26
C GLN A 47 -11.62 10.31 13.01
N ARG A 48 -10.61 10.88 12.34
CA ARG A 48 -10.08 10.25 11.13
C ARG A 48 -9.44 8.90 11.45
N LEU A 49 -8.71 8.83 12.58
CA LEU A 49 -8.12 7.56 12.98
C LEU A 49 -9.21 6.54 13.29
N GLN A 50 -10.26 6.99 13.98
CA GLN A 50 -11.37 6.13 14.34
C GLN A 50 -12.04 5.57 13.09
N VAL A 51 -12.31 6.43 12.11
CA VAL A 51 -12.96 5.99 10.88
C VAL A 51 -12.08 5.00 10.13
N ALA A 52 -10.77 5.31 10.03
CA ALA A 52 -9.85 4.39 9.36
C ALA A 52 -9.81 3.03 10.06
N CYS A 53 -9.74 3.02 11.39
CA CYS A 53 -9.71 1.74 12.11
C CYS A 53 -10.97 0.94 11.83
N GLU A 54 -12.13 1.59 11.83
CA GLU A 54 -13.37 0.88 11.54
C GLU A 54 -13.37 0.34 10.12
N LYS A 55 -12.90 1.15 9.17
CA LYS A 55 -12.92 0.77 7.75
C LYS A 55 -11.88 -0.31 7.44
N LEU A 56 -10.80 -0.41 8.21
CA LEU A 56 -9.84 -1.49 8.09
C LEU A 56 -10.08 -2.64 9.07
N ARG A 57 -11.16 -2.58 9.86
CA ARG A 57 -11.50 -3.64 10.82
C ARG A 57 -10.40 -3.85 11.87
N ILE A 58 -9.77 -2.76 12.30
CA ILE A 58 -8.76 -2.81 13.36
C ILE A 58 -9.44 -2.45 14.67
N ALA A 59 -9.51 -3.43 15.59
CA ALA A 59 -10.02 -3.19 16.93
C ALA A 59 -9.05 -2.31 17.71
N PHE A 60 -9.56 -1.21 18.25
CA PHE A 60 -8.75 -0.29 19.06
C PHE A 60 -9.66 0.38 20.07
N SER A 61 -9.37 0.18 21.36
CA SER A 61 -10.26 0.65 22.41
C SER A 61 -9.70 1.77 23.27
N HIS A 62 -8.43 2.16 23.06
CA HIS A 62 -7.74 3.09 23.95
C HIS A 62 -7.77 4.51 23.41
N TRP A 63 -8.98 5.02 23.15
CA TRP A 63 -9.09 6.37 22.58
C TRP A 63 -8.79 7.44 23.61
N SER A 64 -9.33 7.33 24.83
CA SER A 64 -9.01 8.32 25.85
C SER A 64 -7.53 8.27 26.22
N THR A 65 -6.97 7.07 26.37
CA THR A 65 -5.53 6.96 26.61
C THR A 65 -4.73 7.61 25.49
N LEU A 66 -5.19 7.45 24.24
CA LEU A 66 -4.46 8.02 23.12
C LEU A 66 -4.54 9.54 23.12
N ARG A 67 -5.71 10.11 23.41
CA ARG A 67 -5.82 11.57 23.48
CA ARG A 67 -5.82 11.57 23.49
C ARG A 67 -4.88 12.13 24.54
N GLN A 68 -4.84 11.50 25.72
CA GLN A 68 -3.95 11.96 26.78
C GLN A 68 -2.49 11.91 26.36
N GLU A 69 -2.09 10.85 25.64
CA GLU A 69 -0.70 10.74 25.22
C GLU A 69 -0.37 11.77 24.16
N MET A 70 -1.31 12.00 23.23
CA MET A 70 -1.14 13.05 22.24
C MET A 70 -0.96 14.40 22.90
N THR A 71 -1.88 14.77 23.81
CA THR A 71 -1.78 16.09 24.45
C THR A 71 -0.55 16.19 25.32
N MET A 72 -0.12 15.09 25.95
CA MET A 72 1.10 15.13 26.74
C MET A 72 2.31 15.44 25.88
N LEU A 73 2.47 14.74 24.75
CA LEU A 73 3.65 14.97 23.93
C LEU A 73 3.64 16.35 23.29
N ALA A 74 2.49 17.00 23.20
CA ALA A 74 2.40 18.27 22.50
C ALA A 74 2.59 19.49 23.39
N THR A 75 2.22 19.42 24.67
CA THR A 75 2.35 20.59 25.54
C THR A 75 3.80 21.06 25.61
N GLY A 76 3.98 22.37 25.67
CA GLY A 76 5.31 22.96 25.72
C GLY A 76 5.99 23.16 24.38
N HIS A 77 5.42 22.63 23.29
CA HIS A 77 5.97 22.84 21.95
C HIS A 77 5.27 24.06 21.33
N ASP A 78 6.04 25.13 21.09
CA ASP A 78 5.45 26.31 20.46
C ASP A 78 5.04 26.02 19.02
N SER A 79 5.80 25.17 18.33
CA SER A 79 5.46 24.64 17.03
C SER A 79 5.92 23.20 16.98
N GLY A 80 5.30 22.41 16.12
CA GLY A 80 5.68 21.01 16.02
C GLY A 80 4.74 20.25 15.12
N VAL A 81 5.12 19.00 14.84
CA VAL A 81 4.36 18.06 14.04
C VAL A 81 4.18 16.79 14.84
N LEU A 82 2.92 16.42 15.11
CA LEU A 82 2.61 15.21 15.85
C LEU A 82 2.10 14.15 14.87
N LYS A 83 2.79 13.02 14.81
CA LYS A 83 2.41 11.92 13.95
C LYS A 83 1.96 10.74 14.80
N VAL A 84 0.81 10.17 14.46
CA VAL A 84 0.22 9.04 15.17
C VAL A 84 -0.02 7.92 14.17
N ILE A 85 0.47 6.72 14.48
CA ILE A 85 0.20 5.53 13.68
C ILE A 85 -0.57 4.52 14.53
N ILE A 86 -1.66 3.98 13.99
CA ILE A 86 -2.37 2.85 14.59
C ILE A 86 -2.33 1.70 13.61
N SER A 87 -1.71 0.59 14.02
CA SER A 87 -1.57 -0.60 13.19
C SER A 87 -2.27 -1.78 13.85
N ARG A 88 -2.57 -2.81 13.04
CA ARG A 88 -3.27 -3.97 13.57
C ARG A 88 -2.46 -4.70 14.63
N GLY A 89 -1.14 -4.49 14.66
CA GLY A 89 -0.29 -5.17 15.61
C GLY A 89 0.38 -6.37 15.00
N SER A 90 0.76 -7.32 15.84
CA SER A 90 1.44 -8.54 15.41
C SER A 90 0.48 -9.71 15.39
N GLY A 91 0.81 -10.71 14.59
CA GLY A 91 0.10 -11.97 14.61
C GLY A 91 -0.59 -12.23 13.28
N GLY A 92 -1.43 -13.27 13.30
CA GLY A 92 -2.10 -13.71 12.10
C GLY A 92 -1.23 -14.62 11.25
N ARG A 93 -1.89 -15.36 10.38
CA ARG A 93 -1.24 -16.30 9.47
C ARG A 93 -1.26 -15.69 8.08
N GLY A 94 -0.11 -15.19 7.63
CA GLY A 94 -0.05 -14.57 6.32
C GLY A 94 -0.84 -13.28 6.31
N TYR A 95 -1.68 -13.12 5.29
CA TYR A 95 -2.51 -11.94 5.18
C TYR A 95 -3.67 -11.97 6.17
N SER A 96 -4.07 -13.15 6.63
CA SER A 96 -5.16 -13.28 7.57
C SER A 96 -4.85 -12.55 8.88
N ALA A 97 -5.91 -12.01 9.50
CA ALA A 97 -5.83 -11.29 10.76
C ALA A 97 -6.54 -12.02 11.90
N MET A 98 -6.87 -13.29 11.72
CA MET A 98 -7.53 -14.01 12.80
C MET A 98 -6.54 -14.28 13.92
N ASN A 99 -7.03 -14.24 15.15
CA ASN A 99 -6.19 -14.42 16.34
C ASN A 99 -5.03 -13.46 16.29
N CYS A 100 -5.34 -12.19 16.03
CA CYS A 100 -4.35 -11.13 15.92
C CYS A 100 -4.22 -10.42 17.25
N GLN A 101 -2.99 -10.20 17.68
CA GLN A 101 -2.72 -9.57 18.96
C GLN A 101 -3.16 -8.10 18.93
N ALA A 102 -3.02 -7.45 20.07
CA ALA A 102 -3.51 -6.09 20.28
C ALA A 102 -2.94 -5.10 19.27
N ALA A 103 -3.77 -4.13 18.91
CA ALA A 103 -3.34 -3.06 18.02
C ALA A 103 -2.19 -2.26 18.65
N THR A 104 -1.36 -1.70 17.77
CA THR A 104 -0.21 -0.88 18.15
C THR A 104 -0.53 0.57 17.87
N ARG A 105 -0.18 1.44 18.80
CA ARG A 105 -0.22 2.88 18.59
C ARG A 105 1.19 3.43 18.70
N ILE A 106 1.54 4.30 17.76
CA ILE A 106 2.87 4.89 17.68
C ILE A 106 2.72 6.40 17.56
N LEU A 107 3.40 7.12 18.45
CA LEU A 107 3.31 8.58 18.49
C LEU A 107 4.70 9.16 18.48
N SER A 108 4.87 10.29 17.80
CA SER A 108 6.12 11.04 17.84
C SER A 108 5.86 12.49 17.48
N VAL A 109 6.73 13.36 17.99
CA VAL A 109 6.70 14.79 17.70
C VAL A 109 8.02 15.18 17.06
N SER A 110 7.95 15.86 15.93
CA SER A 110 9.11 16.39 15.21
C SER A 110 8.92 17.89 14.98
N ALA A 111 9.92 18.51 14.37
CA ALA A 111 9.92 19.97 14.24
C ALA A 111 9.08 20.41 13.05
N TYR A 112 8.46 21.58 13.18
CA TYR A 112 7.64 22.12 12.11
C TYR A 112 8.53 22.70 11.02
N PRO A 113 8.41 22.24 9.78
CA PRO A 113 9.32 22.72 8.72
C PRO A 113 9.12 24.19 8.42
N ALA A 114 10.24 24.90 8.26
CA ALA A 114 10.22 26.32 7.96
C ALA A 114 9.85 26.62 6.51
N TYR A 115 9.93 25.63 5.61
CA TYR A 115 9.68 25.93 4.20
C TYR A 115 8.22 26.26 3.92
N TYR A 116 7.29 25.90 4.82
CA TYR A 116 5.89 26.22 4.57
C TYR A 116 5.65 27.73 4.49
N SER A 117 6.40 28.50 5.30
CA SER A 117 6.24 29.95 5.31
C SER A 117 6.63 30.58 3.99
N GLN A 118 7.75 30.15 3.39
CA GLN A 118 8.12 30.71 2.09
C GLN A 118 7.23 30.19 0.97
N TRP A 119 6.73 28.95 1.09
CA TRP A 119 5.72 28.47 0.17
C TRP A 119 4.46 29.31 0.26
N ARG A 120 4.01 29.59 1.49
CA ARG A 120 2.79 30.37 1.72
C ARG A 120 2.90 31.77 1.13
N LYS A 121 4.09 32.36 1.14
CA LYS A 121 4.25 33.75 0.71
C LYS A 121 4.37 33.87 -0.81
N GLN A 122 5.16 33.00 -1.42
CA GLN A 122 5.50 33.16 -2.83
C GLN A 122 4.65 32.31 -3.77
N GLY A 123 3.83 31.41 -3.23
CA GLY A 123 3.13 30.45 -4.06
C GLY A 123 4.08 29.44 -4.67
N ILE A 124 3.57 28.25 -5.03
CA ILE A 124 4.42 27.19 -5.56
C ILE A 124 3.97 26.77 -6.95
N THR A 125 4.76 25.92 -7.59
CA THR A 125 4.50 25.42 -8.93
C THR A 125 4.02 23.98 -8.89
N LEU A 126 3.12 23.64 -9.82
CA LEU A 126 2.58 22.30 -9.98
C LEU A 126 3.08 21.68 -11.28
N THR A 127 3.20 20.35 -11.27
CA THR A 127 3.54 19.58 -12.45
C THR A 127 2.70 18.31 -12.48
N LEU A 128 2.32 17.88 -13.68
CA LEU A 128 1.50 16.68 -13.83
C LEU A 128 2.34 15.45 -13.60
N SER A 129 1.94 14.61 -12.63
CA SER A 129 2.71 13.41 -12.31
C SER A 129 2.37 12.28 -13.28
N PRO A 130 3.39 11.56 -13.78
CA PRO A 130 3.11 10.37 -14.59
C PRO A 130 2.66 9.18 -13.77
N ILE A 131 2.69 9.26 -12.44
CA ILE A 131 2.32 8.16 -11.57
C ILE A 131 0.83 8.27 -11.25
N PRO A 132 0.03 7.25 -11.49
CA PRO A 132 -1.40 7.33 -11.15
C PRO A 132 -1.69 6.72 -9.78
N LEU A 133 -2.91 6.93 -9.33
CA LEU A 133 -3.41 6.36 -8.09
C LEU A 133 -4.39 5.23 -8.39
N GLY A 134 -4.14 4.06 -7.82
CA GLY A 134 -5.07 2.96 -8.01
C GLY A 134 -6.44 3.30 -7.43
N ARG A 135 -7.50 2.86 -8.13
CA ARG A 135 -8.86 3.09 -7.67
C ARG A 135 -9.35 1.90 -6.82
N ASN A 136 -9.86 2.20 -5.63
CA ASN A 136 -10.36 1.16 -4.73
C ASN A 136 -11.24 1.81 -3.66
N PRO A 137 -12.57 1.70 -3.77
CA PRO A 137 -13.45 2.37 -2.80
C PRO A 137 -13.32 1.84 -1.38
N TYR A 138 -12.66 0.70 -1.14
CA TYR A 138 -12.51 0.22 0.23
C TYR A 138 -11.36 0.90 0.96
N LEU A 139 -10.45 1.57 0.24
CA LEU A 139 -9.36 2.31 0.85
C LEU A 139 -9.46 3.81 0.59
N ALA A 140 -10.35 4.23 -0.31
CA ALA A 140 -10.45 5.62 -0.72
C ALA A 140 -10.74 6.52 0.48
N GLY A 141 -10.08 7.68 0.51
CA GLY A 141 -10.25 8.65 1.58
C GLY A 141 -9.41 8.41 2.81
N LEU A 142 -8.87 7.20 3.01
CA LEU A 142 -8.12 6.90 4.22
C LEU A 142 -6.65 7.28 4.08
N LYS A 143 -6.11 7.91 5.12
CA LYS A 143 -4.66 8.06 5.25
C LYS A 143 -4.05 6.76 5.80
N HIS A 144 -4.17 5.69 5.02
CA HIS A 144 -3.61 4.42 5.42
C HIS A 144 -2.10 4.41 5.14
N LEU A 145 -1.44 3.37 5.64
CA LEU A 145 0.01 3.28 5.58
C LEU A 145 0.54 2.80 4.22
N ASN A 146 -0.33 2.32 3.32
CA ASN A 146 0.10 1.88 1.98
C ASN A 146 0.33 3.12 1.13
N ARG A 147 1.50 3.72 1.28
CA ARG A 147 1.81 5.02 0.68
C ARG A 147 2.87 4.92 -0.42
N LEU A 148 3.14 3.71 -0.91
CA LEU A 148 4.18 3.56 -1.90
C LEU A 148 3.91 4.42 -3.13
N GLU A 149 2.63 4.59 -3.49
CA GLU A 149 2.31 5.47 -4.61
C GLU A 149 2.81 6.89 -4.36
N GLN A 150 2.64 7.41 -3.14
CA GLN A 150 3.14 8.74 -2.85
C GLN A 150 4.66 8.80 -2.86
N VAL A 151 5.34 7.72 -2.49
CA VAL A 151 6.79 7.71 -2.58
C VAL A 151 7.25 7.81 -4.04
N LEU A 152 6.64 7.04 -4.94
CA LEU A 152 7.03 7.14 -6.35
C LEU A 152 6.72 8.52 -6.91
N ILE A 153 5.58 9.11 -6.53
CA ILE A 153 5.19 10.42 -7.06
C ILE A 153 6.22 11.46 -6.66
N ARG A 154 6.63 11.46 -5.39
CA ARG A 154 7.65 12.40 -4.96
C ARG A 154 8.98 12.14 -5.66
N SER A 155 9.34 10.87 -5.81
CA SER A 155 10.59 10.54 -6.51
C SER A 155 10.58 11.08 -7.93
N HIS A 156 9.51 10.84 -8.67
CA HIS A 156 9.45 11.39 -10.03
C HIS A 156 9.36 12.92 -10.00
N LEU A 157 8.66 13.47 -9.01
CA LEU A 157 8.62 14.91 -8.85
C LEU A 157 10.01 15.50 -8.64
N GLU A 158 10.90 14.79 -7.93
CA GLU A 158 12.24 15.31 -7.67
C GLU A 158 13.14 15.34 -8.89
N GLN A 159 12.73 14.72 -10.00
CA GLN A 159 13.44 14.88 -11.25
C GLN A 159 13.03 16.15 -12.00
N THR A 160 12.13 16.96 -11.44
CA THR A 160 11.68 18.20 -12.08
C THR A 160 12.06 19.40 -11.21
N ASP A 161 11.62 20.59 -11.65
CA ASP A 161 11.83 21.83 -10.92
C ASP A 161 10.60 22.26 -10.13
N ALA A 162 9.50 21.52 -10.21
CA ALA A 162 8.26 21.89 -9.55
C ALA A 162 8.30 21.51 -8.07
N ASP A 163 7.42 22.16 -7.31
CA ASP A 163 7.32 21.93 -5.87
C ASP A 163 6.32 20.83 -5.52
N GLU A 164 5.22 20.71 -6.26
CA GLU A 164 4.22 19.70 -5.99
C GLU A 164 3.71 19.14 -7.31
N ALA A 165 2.97 18.06 -7.20
CA ALA A 165 2.51 17.29 -8.34
C ALA A 165 0.99 17.25 -8.36
N LEU A 166 0.42 17.47 -9.54
CA LEU A 166 -0.98 17.14 -9.80
C LEU A 166 -1.07 15.65 -10.08
N VAL A 167 -1.92 14.94 -9.34
CA VAL A 167 -1.99 13.48 -9.39
C VAL A 167 -3.38 13.04 -9.85
N LEU A 168 -3.41 12.18 -10.86
CA LEU A 168 -4.61 11.58 -11.42
C LEU A 168 -4.79 10.14 -10.93
N ASP A 169 -6.03 9.65 -10.99
CA ASP A 169 -6.21 8.23 -10.72
C ASP A 169 -5.98 7.43 -12.01
N SER A 170 -6.09 6.09 -11.91
CA SER A 170 -5.69 5.25 -13.03
C SER A 170 -6.55 5.49 -14.28
N GLU A 171 -7.75 6.03 -14.12
CA GLU A 171 -8.64 6.37 -15.23
C GLU A 171 -8.47 7.81 -15.69
N GLY A 172 -7.46 8.52 -15.19
CA GLY A 172 -7.21 9.88 -15.64
C GLY A 172 -7.99 10.99 -14.97
N TRP A 173 -8.65 10.73 -13.83
CA TRP A 173 -9.42 11.76 -13.14
C TRP A 173 -8.56 12.47 -12.09
N VAL A 174 -8.58 13.81 -12.09
CA VAL A 174 -7.87 14.59 -11.08
C VAL A 174 -8.29 14.15 -9.69
N THR A 175 -7.33 13.87 -8.83
CA THR A 175 -7.66 13.36 -7.51
C THR A 175 -7.07 14.22 -6.40
N GLU A 176 -5.76 14.46 -6.40
CA GLU A 176 -5.12 15.22 -5.34
C GLU A 176 -3.72 15.60 -5.78
N CYS A 177 -2.92 16.10 -4.84
CA CYS A 177 -1.50 16.31 -5.04
C CYS A 177 -0.72 15.18 -4.36
N CYS A 178 0.59 15.36 -4.22
CA CYS A 178 1.42 14.31 -3.63
C CYS A 178 1.14 14.18 -2.14
N ALA A 179 1.13 15.29 -1.41
CA ALA A 179 0.88 15.22 0.03
C ALA A 179 -0.21 16.19 0.44
N ALA A 180 -1.14 16.50 -0.46
CA ALA A 180 -2.13 17.53 -0.16
C ALA A 180 -3.35 17.33 -1.05
N ASN A 181 -4.48 17.83 -0.57
CA ASN A 181 -5.67 17.94 -1.37
C ASN A 181 -5.63 19.24 -2.15
N LEU A 182 -6.46 19.34 -3.20
CA LEU A 182 -6.47 20.58 -3.96
C LEU A 182 -7.88 21.06 -4.25
N PHE A 183 -8.02 22.37 -4.28
CA PHE A 183 -9.22 23.06 -4.72
C PHE A 183 -8.82 23.98 -5.87
N TRP A 184 -9.74 24.16 -6.81
CA TRP A 184 -9.57 25.21 -7.80
C TRP A 184 -10.87 25.99 -7.93
N ARG A 185 -10.74 27.18 -8.54
CA ARG A 185 -11.83 28.12 -8.69
C ARG A 185 -11.87 28.65 -10.10
N THR A 186 -13.08 28.77 -10.64
CA THR A 186 -13.35 29.55 -11.85
C THR A 186 -14.53 30.45 -11.52
N GLY A 187 -14.33 31.77 -11.64
CA GLY A 187 -15.39 32.69 -11.26
C GLY A 187 -15.81 32.50 -9.81
N ASP A 188 -17.10 32.32 -9.58
CA ASP A 188 -17.66 32.15 -8.25
C ASP A 188 -17.80 30.70 -7.82
N ILE A 189 -17.30 29.75 -8.61
CA ILE A 189 -17.47 28.33 -8.31
C ILE A 189 -16.12 27.73 -7.92
N VAL A 190 -16.13 26.99 -6.82
CA VAL A 190 -14.95 26.31 -6.29
C VAL A 190 -15.15 24.82 -6.47
N PHE A 191 -14.16 24.16 -7.05
CA PHE A 191 -14.20 22.75 -7.39
C PHE A 191 -13.18 21.99 -6.55
N THR A 192 -13.51 20.74 -6.21
CA THR A 192 -12.53 19.84 -5.58
C THR A 192 -12.87 18.42 -5.96
N PRO A 193 -11.89 17.55 -6.17
CA PRO A 193 -12.20 16.21 -6.65
C PRO A 193 -12.96 15.40 -5.61
N ARG A 194 -13.95 14.64 -6.07
CA ARG A 194 -14.59 13.63 -5.24
C ARG A 194 -13.59 12.53 -4.91
N LEU A 195 -13.55 12.09 -3.65
CA LEU A 195 -12.55 11.13 -3.18
C LEU A 195 -13.16 9.78 -2.81
N ASP A 196 -14.14 9.31 -3.60
CA ASP A 196 -14.78 8.03 -3.36
C ASP A 196 -13.99 6.86 -3.93
N GLN A 197 -13.04 7.11 -4.82
CA GLN A 197 -12.26 6.05 -5.45
C GLN A 197 -10.78 6.06 -5.10
N ALA A 198 -10.21 7.22 -4.77
CA ALA A 198 -8.79 7.28 -4.38
C ALA A 198 -8.53 8.61 -3.68
N GLY A 199 -7.31 8.77 -3.18
CA GLY A 199 -6.92 9.97 -2.48
C GLY A 199 -7.26 9.91 -1.01
N VAL A 200 -6.77 10.92 -0.28
CA VAL A 200 -6.97 11.04 1.16
C VAL A 200 -7.95 12.19 1.41
N ASN A 201 -9.01 11.90 2.17
CA ASN A 201 -10.01 12.92 2.54
C ASN A 201 -9.48 13.68 3.74
N GLY A 202 -8.69 14.72 3.48
CA GLY A 202 -7.92 15.35 4.52
C GLY A 202 -8.75 16.10 5.54
N ILE A 203 -8.20 16.15 6.76
CA ILE A 203 -8.71 17.00 7.82
C ILE A 203 -8.89 18.44 7.33
N MET A 204 -7.92 18.94 6.56
CA MET A 204 -7.98 20.34 6.14
C MET A 204 -8.92 20.53 4.96
N ARG A 205 -8.96 19.56 4.05
CA ARG A 205 -9.99 19.58 3.01
C ARG A 205 -11.38 19.65 3.62
N GLN A 206 -11.63 18.86 4.67
CA GLN A 206 -12.95 18.86 5.29
C GLN A 206 -13.24 20.19 5.98
N PHE A 207 -12.22 20.79 6.61
CA PHE A 207 -12.41 22.07 7.26
C PHE A 207 -12.70 23.17 6.24
N CYS A 208 -11.98 23.17 5.12
CA CYS A 208 -12.26 24.15 4.08
C CYS A 208 -13.68 23.98 3.54
N LEU A 209 -14.10 22.74 3.28
CA LEU A 209 -15.46 22.52 2.80
C LEU A 209 -16.51 23.09 3.75
N ARG A 210 -16.30 22.98 5.07
CA ARG A 210 -17.25 23.58 6.01
C ARG A 210 -17.28 25.10 5.87
N GLN A 211 -16.12 25.74 5.76
CA GLN A 211 -16.09 27.19 5.65
C GLN A 211 -16.70 27.66 4.33
N LEU A 212 -16.49 26.91 3.24
CA LEU A 212 -16.99 27.32 1.94
C LEU A 212 -18.51 27.22 1.85
N ALA A 213 -19.16 26.49 2.77
CA ALA A 213 -20.61 26.45 2.79
C ALA A 213 -21.20 27.75 3.35
N GLN A 214 -20.42 28.54 4.09
CA GLN A 214 -20.81 29.88 4.49
C GLN A 214 -19.94 30.90 3.78
N SER A 215 -20.07 31.04 2.47
CA SER A 215 -19.08 31.77 1.71
C SER A 215 -19.76 32.40 0.50
N PRO A 216 -19.06 33.29 -0.21
CA PRO A 216 -19.61 33.80 -1.46
C PRO A 216 -19.25 32.91 -2.64
N PHE A 217 -19.07 31.61 -2.41
CA PHE A 217 -18.72 30.67 -3.46
C PHE A 217 -19.72 29.53 -3.52
N GLN A 218 -20.02 29.08 -4.73
CA GLN A 218 -20.63 27.77 -4.94
C GLN A 218 -19.54 26.70 -4.86
N VAL A 219 -19.92 25.51 -4.40
CA VAL A 219 -18.97 24.41 -4.20
C VAL A 219 -19.46 23.17 -4.92
N LEU A 220 -18.55 22.49 -5.61
CA LEU A 220 -18.87 21.24 -6.28
C LEU A 220 -17.71 20.26 -6.11
N GLU A 221 -18.01 19.07 -5.60
CA GLU A 221 -17.09 17.95 -5.70
C GLU A 221 -17.30 17.29 -7.05
N VAL A 222 -16.23 17.16 -7.84
CA VAL A 222 -16.38 16.78 -9.24
C VAL A 222 -15.44 15.63 -9.58
N GLN A 223 -15.73 15.04 -10.73
CA GLN A 223 -14.85 14.11 -11.44
C GLN A 223 -14.41 14.86 -12.70
N ALA A 224 -13.16 15.33 -12.71
CA ALA A 224 -12.67 16.25 -13.72
C ALA A 224 -11.32 15.80 -14.26
N ARG A 225 -11.05 16.19 -15.50
CA ARG A 225 -9.77 15.96 -16.17
C ARG A 225 -8.82 17.09 -15.84
N GLU A 226 -7.53 16.89 -16.16
CA GLU A 226 -6.54 17.89 -15.80
C GLU A 226 -6.74 19.21 -16.55
N GLU A 227 -7.43 19.17 -17.70
CA GLU A 227 -7.75 20.39 -18.42
C GLU A 227 -8.54 21.36 -17.57
N ALA A 228 -9.45 20.86 -16.73
CA ALA A 228 -10.20 21.74 -15.84
C ALA A 228 -9.28 22.49 -14.90
N VAL A 229 -8.20 21.84 -14.45
CA VAL A 229 -7.27 22.53 -13.56
C VAL A 229 -6.49 23.58 -14.35
N ARG A 230 -5.99 23.21 -15.52
CA ARG A 230 -5.20 24.13 -16.33
C ARG A 230 -6.00 25.36 -16.75
N GLN A 231 -7.32 25.25 -16.82
CA GLN A 231 -8.15 26.37 -17.26
C GLN A 231 -8.75 27.17 -16.10
N ALA A 232 -8.57 26.74 -14.85
CA ALA A 232 -9.12 27.46 -13.72
C ALA A 232 -8.48 28.84 -13.55
N ASP A 233 -9.17 29.70 -12.78
CA ASP A 233 -8.64 31.02 -12.43
C ASP A 233 -7.66 30.96 -11.28
N GLU A 234 -7.79 29.95 -10.42
CA GLU A 234 -7.03 29.90 -9.17
C GLU A 234 -7.01 28.46 -8.68
N ILE A 235 -5.90 28.06 -8.09
CA ILE A 235 -5.72 26.76 -7.47
C ILE A 235 -5.05 26.96 -6.12
N ILE A 236 -5.53 26.23 -5.10
CA ILE A 236 -4.87 26.13 -3.81
C ILE A 236 -4.76 24.67 -3.44
N ILE A 237 -3.79 24.36 -2.58
CA ILE A 237 -3.63 23.04 -2.00
C ILE A 237 -3.56 23.17 -0.47
N CYS A 238 -3.89 22.08 0.20
CA CYS A 238 -4.04 22.13 1.64
C CYS A 238 -3.76 20.75 2.24
N ASN A 239 -3.22 20.77 3.46
CA ASN A 239 -3.16 19.63 4.35
C ASN A 239 -3.06 20.18 5.78
N ALA A 240 -3.01 19.27 6.76
CA ALA A 240 -3.06 19.71 8.16
C ALA A 240 -1.92 20.66 8.52
N LEU A 241 -0.77 20.56 7.86
CA LEU A 241 0.44 21.26 8.28
C LEU A 241 0.71 22.56 7.54
N MET A 242 0.31 22.68 6.27
CA MET A 242 0.73 23.82 5.45
C MET A 242 0.25 25.16 6.00
N PRO A 243 -1.04 25.38 6.29
CA PRO A 243 -2.20 24.53 6.06
C PRO A 243 -2.82 24.77 4.67
N ILE A 244 -2.54 25.92 4.06
CA ILE A 244 -3.06 26.23 2.73
C ILE A 244 -1.99 27.00 1.95
N ILE A 245 -1.70 26.54 0.74
CA ILE A 245 -0.66 27.10 -0.11
C ILE A 245 -1.27 27.50 -1.46
N PRO A 246 -0.98 28.69 -1.99
CA PRO A 246 -1.45 29.03 -3.34
C PRO A 246 -0.55 28.48 -4.42
N ILE A 247 -1.17 28.08 -5.55
CA ILE A 247 -0.41 27.68 -6.74
C ILE A 247 -0.22 28.92 -7.61
N ARG A 248 1.05 29.22 -7.94
CA ARG A 248 1.36 30.33 -8.81
C ARG A 248 1.60 29.92 -10.26
N ALA A 249 1.82 28.65 -10.55
CA ALA A 249 2.14 28.24 -11.91
C ALA A 249 1.83 26.77 -12.11
N TYR A 250 1.25 26.46 -13.27
CA TYR A 250 1.04 25.08 -13.66
C TYR A 250 1.04 25.01 -15.17
N HIS A 251 1.82 24.08 -15.73
CA HIS A 251 1.82 23.81 -17.16
C HIS A 251 2.11 25.08 -17.96
N GLY A 252 3.06 25.88 -17.47
CA GLY A 252 3.41 27.13 -18.11
C GLY A 252 2.45 28.28 -17.87
N THR A 253 1.21 28.00 -17.43
CA THR A 253 0.25 29.06 -17.13
C THR A 253 0.60 29.74 -15.81
N SER A 254 0.41 31.06 -15.76
CA SER A 254 0.60 31.83 -14.55
C SER A 254 -0.74 32.03 -13.86
N TYR A 255 -0.78 31.83 -12.54
CA TYR A 255 -1.99 31.99 -11.74
C TYR A 255 -1.75 33.08 -10.71
N SER A 256 -2.38 34.25 -10.92
CA SER A 256 -2.15 35.44 -10.11
C SER A 256 -3.22 35.69 -9.05
N SER A 257 -4.46 35.32 -9.32
CA SER A 257 -5.55 35.62 -8.39
C SER A 257 -5.37 34.83 -7.09
N ARG A 258 -5.78 35.46 -5.99
CA ARG A 258 -5.68 34.87 -4.66
C ARG A 258 -7.02 34.96 -3.94
N THR A 259 -8.10 35.21 -4.67
CA THR A 259 -9.41 35.44 -4.06
C THR A 259 -9.82 34.29 -3.15
N LEU A 260 -9.68 33.05 -3.63
CA LEU A 260 -10.04 31.91 -2.79
C LEU A 260 -9.04 31.73 -1.65
N PHE A 261 -7.75 31.88 -1.94
CA PHE A 261 -6.75 31.78 -0.89
C PHE A 261 -7.00 32.78 0.23
N GLN A 262 -7.29 34.03 -0.13
CA GLN A 262 -7.51 35.08 0.86
C GLN A 262 -8.76 34.87 1.69
N PHE A 263 -9.71 34.06 1.20
CA PHE A 263 -10.89 33.78 2.01
C PHE A 263 -10.64 32.63 2.97
N LEU A 264 -9.95 31.58 2.51
CA LEU A 264 -9.72 30.41 3.33
C LEU A 264 -8.57 30.59 4.32
N ALA A 265 -7.55 31.36 3.96
CA ALA A 265 -6.36 31.43 4.81
C ALA A 265 -6.63 31.93 6.21
N PRO A 266 -7.45 32.98 6.45
CA PRO A 266 -7.69 33.40 7.84
C PRO A 266 -8.30 32.32 8.74
N PHE A 267 -9.15 31.46 8.20
CA PHE A 267 -9.67 30.33 8.98
C PHE A 267 -8.59 29.28 9.20
N CYS A 268 -7.85 28.93 8.14
CA CYS A 268 -6.86 27.86 8.22
C CYS A 268 -5.71 28.24 9.13
N GLU A 269 -5.16 29.44 8.96
CA GLU A 269 -4.04 29.93 9.77
C GLU A 269 -4.57 30.51 11.09
N HIS A 270 -5.32 29.67 11.80
CA HIS A 270 -5.84 29.93 13.14
C HIS A 270 -5.83 28.61 13.90
N PRO A 271 -5.14 28.54 15.04
CA PRO A 271 -4.98 27.25 15.73
C PRO A 271 -6.29 26.74 16.33
N ASN A 272 -6.71 25.55 15.89
CA ASN A 272 -7.94 24.94 16.39
C ASN A 272 -7.66 23.65 17.14
N MET B 4 12.45 -14.89 16.23
CA MET B 4 13.74 -14.25 15.96
C MET B 4 13.93 -13.91 14.48
N PHE B 5 14.63 -12.82 14.22
CA PHE B 5 14.86 -12.30 12.88
C PHE B 5 16.33 -11.96 12.70
N LEU B 6 16.76 -11.92 11.45
CA LEU B 6 18.12 -11.48 11.09
C LEU B 6 18.00 -10.19 10.29
N ILE B 7 18.40 -9.08 10.91
CA ILE B 7 18.24 -7.75 10.33
C ILE B 7 19.62 -7.19 10.07
N ASN B 8 19.97 -7.07 8.78
CA ASN B 8 21.28 -6.55 8.38
C ASN B 8 22.41 -7.36 9.01
N GLY B 9 22.20 -8.68 9.13
CA GLY B 9 23.21 -9.57 9.65
C GLY B 9 23.20 -9.77 11.14
N HIS B 10 22.34 -9.08 11.88
CA HIS B 10 22.28 -9.16 13.34
C HIS B 10 21.02 -9.92 13.75
N ALA B 11 21.19 -10.90 14.63
CA ALA B 11 20.04 -11.54 15.26
C ALA B 11 19.34 -10.53 16.17
N GLN B 12 18.06 -10.28 15.89
CA GLN B 12 17.38 -9.11 16.42
C GLN B 12 15.90 -9.19 16.06
N ASP B 13 15.00 -9.00 17.02
CA ASP B 13 13.58 -9.09 16.73
C ASP B 13 12.88 -7.73 16.85
N GLN B 14 13.61 -6.63 16.72
CA GLN B 14 13.02 -5.31 16.74
C GLN B 14 13.71 -4.43 15.72
N LEU B 15 12.95 -3.53 15.10
CA LEU B 15 13.45 -2.65 14.05
C LEU B 15 13.13 -1.20 14.42
N ALA B 16 14.02 -0.29 14.01
CA ALA B 16 13.80 1.13 14.26
C ALA B 16 12.45 1.57 13.73
N VAL B 17 11.70 2.31 14.56
CA VAL B 17 10.34 2.71 14.22
C VAL B 17 10.33 3.56 12.96
N SER B 18 11.38 4.35 12.76
CA SER B 18 11.51 5.27 11.63
C SER B 18 11.65 4.56 10.29
N ASP B 19 11.83 3.24 10.29
CA ASP B 19 12.02 2.50 9.03
C ASP B 19 10.83 2.69 8.11
N ARG B 20 11.10 2.92 6.83
CA ARG B 20 10.03 3.28 5.92
C ARG B 20 9.15 2.11 5.52
N ALA B 21 9.52 0.87 5.87
CA ALA B 21 8.57 -0.23 5.79
C ALA B 21 7.42 -0.01 6.77
N THR B 22 7.75 0.43 7.98
CA THR B 22 6.75 0.72 9.00
C THR B 22 5.95 1.97 8.66
N GLN B 23 6.60 2.98 8.09
CA GLN B 23 5.91 4.25 7.84
C GLN B 23 5.03 4.18 6.60
N PHE B 24 5.57 3.65 5.50
CA PHE B 24 4.93 3.73 4.20
C PHE B 24 4.80 2.39 3.48
N GLY B 25 5.17 1.28 4.12
CA GLY B 25 5.30 0.04 3.38
C GLY B 25 6.29 0.16 2.24
N ASP B 26 7.36 0.94 2.44
CA ASP B 26 8.29 1.32 1.38
C ASP B 26 9.32 0.21 1.21
N GLY B 27 8.90 -0.84 0.50
CA GLY B 27 9.79 -1.96 0.24
C GLY B 27 9.03 -3.11 -0.38
N SER B 28 9.68 -4.27 -0.39
CA SER B 28 9.12 -5.45 -1.02
C SER B 28 9.60 -6.69 -0.28
N PHE B 29 9.12 -7.84 -0.72
CA PHE B 29 9.46 -9.08 -0.04
C PHE B 29 9.26 -10.27 -0.96
N THR B 30 9.74 -11.42 -0.50
CA THR B 30 9.49 -12.69 -1.14
C THR B 30 9.35 -13.76 -0.06
N THR B 31 8.67 -14.85 -0.40
CA THR B 31 8.42 -15.95 0.51
C THR B 31 8.83 -17.24 -0.20
N ALA B 32 9.89 -17.89 0.29
CA ALA B 32 10.48 -19.06 -0.35
C ALA B 32 10.28 -20.32 0.50
N ARG B 33 10.14 -21.45 -0.17
CA ARG B 33 9.96 -22.73 0.50
C ARG B 33 11.31 -23.39 0.75
N ILE B 34 11.51 -23.87 1.97
CA ILE B 34 12.69 -24.63 2.34
C ILE B 34 12.37 -26.11 2.26
N VAL B 35 13.25 -26.89 1.64
CA VAL B 35 13.14 -28.34 1.51
C VAL B 35 14.53 -28.91 1.72
N ASP B 36 14.71 -29.70 2.79
CA ASP B 36 15.97 -30.39 3.08
C ASP B 36 17.16 -29.44 3.12
N GLY B 37 16.97 -28.32 3.82
CA GLY B 37 18.03 -27.34 4.03
C GLY B 37 18.34 -26.43 2.87
N ASN B 38 17.71 -26.63 1.71
CA ASN B 38 17.94 -25.80 0.54
C ASN B 38 16.70 -24.96 0.21
N ILE B 39 16.93 -23.81 -0.40
CA ILE B 39 15.89 -22.87 -0.78
C ILE B 39 15.50 -23.15 -2.23
N CYS B 40 14.22 -23.43 -2.44
CA CYS B 40 13.74 -23.67 -3.80
C CYS B 40 13.67 -22.38 -4.59
N HIS B 41 14.14 -22.44 -5.83
CA HIS B 41 14.10 -21.31 -6.75
C HIS B 41 14.83 -20.10 -6.15
N LEU B 42 15.94 -20.37 -5.47
CA LEU B 42 16.69 -19.33 -4.79
C LEU B 42 17.09 -18.22 -5.75
N GLU B 43 17.48 -18.57 -6.97
CA GLU B 43 17.90 -17.54 -7.92
C GLU B 43 16.71 -16.70 -8.37
N ALA B 44 15.53 -17.31 -8.52
CA ALA B 44 14.35 -16.54 -8.89
C ALA B 44 13.95 -15.60 -7.76
N HIS B 45 14.09 -16.04 -6.50
CA HIS B 45 13.75 -15.17 -5.38
C HIS B 45 14.66 -13.95 -5.32
N LEU B 46 15.97 -14.16 -5.48
CA LEU B 46 16.87 -13.01 -5.53
C LEU B 46 16.54 -12.12 -6.72
N GLN B 47 16.21 -12.73 -7.86
CA GLN B 47 15.81 -11.97 -9.04
C GLN B 47 14.60 -11.10 -8.75
N ARG B 48 13.54 -11.69 -8.20
CA ARG B 48 12.33 -10.91 -7.91
C ARG B 48 12.66 -9.74 -6.98
N LEU B 49 13.47 -9.98 -5.95
CA LEU B 49 13.85 -8.89 -5.04
C LEU B 49 14.64 -7.82 -5.76
N GLN B 50 15.55 -8.21 -6.67
CA GLN B 50 16.34 -7.23 -7.42
C GLN B 50 15.45 -6.40 -8.34
N VAL B 51 14.53 -7.05 -9.05
CA VAL B 51 13.62 -6.33 -9.95
C VAL B 51 12.73 -5.37 -9.16
N ALA B 52 12.32 -5.78 -7.95
CA ALA B 52 11.49 -4.91 -7.13
C ALA B 52 12.27 -3.70 -6.65
N CYS B 53 13.49 -3.93 -6.14
CA CYS B 53 14.33 -2.82 -5.70
C CYS B 53 14.60 -1.84 -6.82
N GLU B 54 14.87 -2.36 -8.02
CA GLU B 54 15.10 -1.49 -9.18
C GLU B 54 13.86 -0.67 -9.51
N LYS B 55 12.68 -1.31 -9.53
CA LYS B 55 11.46 -0.59 -9.91
C LYS B 55 11.02 0.38 -8.83
N LEU B 56 11.36 0.12 -7.57
CA LEU B 56 11.08 1.04 -6.48
C LEU B 56 12.24 1.99 -6.20
N ARG B 57 13.30 1.94 -7.01
CA ARG B 57 14.46 2.82 -6.85
C ARG B 57 15.10 2.70 -5.47
N ILE B 58 15.14 1.48 -4.94
CA ILE B 58 15.77 1.20 -3.65
C ILE B 58 17.17 0.70 -3.91
N ALA B 59 18.18 1.52 -3.62
CA ALA B 59 19.56 1.10 -3.79
C ALA B 59 19.88 -0.02 -2.80
N PHE B 60 20.38 -1.15 -3.31
CA PHE B 60 20.77 -2.26 -2.46
C PHE B 60 22.06 -2.86 -2.99
N SER B 61 23.06 -2.96 -2.12
CA SER B 61 24.41 -3.35 -2.52
C SER B 61 24.75 -4.79 -2.17
N HIS B 62 24.21 -5.31 -1.08
CA HIS B 62 24.69 -6.56 -0.48
C HIS B 62 23.97 -7.79 -1.04
N TRP B 63 23.95 -7.93 -2.37
CA TRP B 63 23.32 -9.11 -2.95
C TRP B 63 24.11 -10.38 -2.64
N SER B 64 25.44 -10.34 -2.82
CA SER B 64 26.27 -11.47 -2.40
C SER B 64 26.05 -11.79 -0.92
N THR B 65 26.07 -10.78 -0.07
CA THR B 65 25.89 -11.01 1.37
C THR B 65 24.52 -11.60 1.67
N LEU B 66 23.46 -11.07 1.04
CA LEU B 66 22.11 -11.57 1.28
C LEU B 66 21.98 -13.03 0.86
N ARG B 67 22.58 -13.40 -0.28
CA ARG B 67 22.55 -14.81 -0.70
C ARG B 67 23.18 -15.70 0.36
N GLN B 68 24.30 -15.28 0.94
CA GLN B 68 24.92 -16.07 2.01
C GLN B 68 23.98 -16.20 3.20
N GLU B 69 23.34 -15.10 3.62
CA GLU B 69 22.51 -15.13 4.81
C GLU B 69 21.30 -16.04 4.61
N MET B 70 20.67 -15.98 3.43
CA MET B 70 19.52 -16.82 3.16
C MET B 70 19.87 -18.31 3.25
N THR B 71 20.99 -18.71 2.61
CA THR B 71 21.30 -20.13 2.59
C THR B 71 21.72 -20.64 3.96
N MET B 72 22.36 -19.80 4.78
CA MET B 72 22.77 -20.26 6.10
C MET B 72 21.58 -20.42 7.05
N LEU B 73 20.52 -19.60 6.87
CA LEU B 73 19.34 -19.72 7.71
C LEU B 73 18.49 -20.93 7.33
N ALA B 74 18.54 -21.35 6.07
CA ALA B 74 17.72 -22.46 5.62
C ALA B 74 18.30 -23.81 6.06
N THR B 75 19.62 -23.93 6.09
CA THR B 75 20.24 -25.19 6.49
C THR B 75 19.86 -25.53 7.93
N GLY B 76 19.39 -26.75 8.14
CA GLY B 76 18.91 -27.21 9.42
C GLY B 76 17.42 -27.52 9.46
N HIS B 77 16.64 -26.95 8.54
CA HIS B 77 15.20 -27.16 8.48
C HIS B 77 14.89 -28.09 7.30
N ASP B 78 14.28 -29.24 7.60
CA ASP B 78 13.82 -30.10 6.51
C ASP B 78 12.63 -29.48 5.80
N SER B 79 11.79 -28.75 6.53
CA SER B 79 10.56 -28.17 6.02
C SER B 79 10.40 -26.80 6.66
N GLY B 80 10.40 -25.74 5.85
CA GLY B 80 10.29 -24.41 6.40
C GLY B 80 9.91 -23.38 5.35
N VAL B 81 9.72 -22.15 5.81
CA VAL B 81 9.35 -21.01 4.99
C VAL B 81 10.29 -19.87 5.32
N LEU B 82 11.04 -19.40 4.33
CA LEU B 82 11.96 -18.28 4.51
C LEU B 82 11.30 -17.02 3.93
N LYS B 83 11.16 -15.98 4.75
CA LYS B 83 10.63 -14.70 4.33
C LYS B 83 11.75 -13.66 4.35
N VAL B 84 11.86 -12.89 3.27
CA VAL B 84 12.87 -11.85 3.15
C VAL B 84 12.19 -10.54 2.81
N ILE B 85 12.48 -9.49 3.57
CA ILE B 85 11.98 -8.16 3.29
C ILE B 85 13.16 -7.25 3.00
N ILE B 86 13.01 -6.41 1.98
CA ILE B 86 13.97 -5.34 1.70
C ILE B 86 13.23 -4.02 1.65
N SER B 87 13.49 -3.14 2.61
CA SER B 87 12.90 -1.81 2.66
C SER B 87 13.97 -0.76 2.36
N ARG B 88 13.50 0.46 2.07
CA ARG B 88 14.40 1.56 1.76
C ARG B 88 15.22 2.04 2.96
N GLY B 89 14.92 1.56 4.16
CA GLY B 89 15.59 2.04 5.35
C GLY B 89 14.84 3.19 6.00
N SER B 90 15.58 3.95 6.80
CA SER B 90 15.06 5.11 7.52
C SER B 90 15.58 6.40 6.87
N GLY B 91 14.80 7.46 7.01
CA GLY B 91 15.22 8.78 6.58
C GLY B 91 14.28 9.37 5.57
N GLY B 92 14.64 10.57 5.11
CA GLY B 92 13.82 11.33 4.19
C GLY B 92 12.89 12.30 4.90
N ARG B 93 12.34 13.21 4.11
CA ARG B 93 11.42 14.24 4.58
C ARG B 93 10.04 13.92 4.02
N GLY B 94 9.17 13.37 4.88
CA GLY B 94 7.87 12.96 4.41
C GLY B 94 8.01 11.79 3.44
N TYR B 95 7.24 11.84 2.36
CA TYR B 95 7.35 10.81 1.33
C TYR B 95 8.68 10.84 0.59
N SER B 96 9.38 11.98 0.60
CA SER B 96 10.66 12.07 -0.09
C SER B 96 11.68 11.10 0.49
N ALA B 97 12.51 10.55 -0.38
CA ALA B 97 13.58 9.65 0.02
C ALA B 97 14.97 10.25 -0.23
N MET B 98 15.09 11.56 -0.33
CA MET B 98 16.39 12.18 -0.49
C MET B 98 17.14 12.16 0.84
N ASN B 99 18.46 11.97 0.76
CA ASN B 99 19.31 11.82 1.94
C ASN B 99 18.81 10.69 2.84
N CYS B 100 18.32 9.63 2.21
CA CYS B 100 17.76 8.48 2.91
C CYS B 100 18.85 7.45 3.16
N GLN B 101 18.95 7.00 4.41
CA GLN B 101 20.00 6.06 4.83
C GLN B 101 19.88 4.74 4.06
N ALA B 102 20.88 3.89 4.23
CA ALA B 102 20.96 2.66 3.44
C ALA B 102 19.79 1.72 3.76
N ALA B 103 19.49 0.86 2.79
CA ALA B 103 18.36 -0.05 2.81
C ALA B 103 18.45 -1.04 3.97
N THR B 104 17.33 -1.71 4.23
CA THR B 104 17.20 -2.67 5.33
C THR B 104 16.80 -4.03 4.78
N ARG B 105 17.48 -5.08 5.23
CA ARG B 105 17.15 -6.45 4.85
C ARG B 105 16.74 -7.23 6.09
N ILE B 106 15.63 -7.97 5.99
CA ILE B 106 15.01 -8.63 7.13
C ILE B 106 14.68 -10.06 6.74
N LEU B 107 15.31 -11.01 7.41
CA LEU B 107 15.18 -12.42 7.09
C LEU B 107 14.64 -13.19 8.29
N SER B 108 13.76 -14.15 8.03
CA SER B 108 13.25 -15.01 9.08
C SER B 108 12.76 -16.31 8.47
N VAL B 109 12.90 -17.39 9.24
CA VAL B 109 12.44 -18.72 8.87
C VAL B 109 11.24 -19.06 9.73
N SER B 110 10.16 -19.50 9.09
CA SER B 110 8.90 -19.86 9.72
C SER B 110 8.55 -21.30 9.36
N ALA B 111 7.46 -21.79 9.95
CA ALA B 111 7.05 -23.18 9.80
C ALA B 111 6.21 -23.37 8.54
N TYR B 112 6.51 -24.45 7.80
CA TYR B 112 5.73 -24.77 6.61
C TYR B 112 4.35 -25.29 7.01
N PRO B 113 3.27 -24.69 6.53
CA PRO B 113 1.93 -25.11 6.96
C PRO B 113 1.58 -26.49 6.44
N ALA B 114 0.81 -27.21 7.25
CA ALA B 114 0.41 -28.56 6.87
C ALA B 114 -0.85 -28.59 6.02
N TYR B 115 -1.67 -27.53 6.06
CA TYR B 115 -2.94 -27.55 5.36
C TYR B 115 -2.79 -27.59 3.84
N TYR B 116 -1.59 -27.37 3.30
CA TYR B 116 -1.40 -27.48 1.86
C TYR B 116 -1.66 -28.91 1.37
N SER B 117 -1.29 -29.92 2.16
CA SER B 117 -1.45 -31.30 1.71
C SER B 117 -2.93 -31.64 1.52
N GLN B 118 -3.78 -31.26 2.47
CA GLN B 118 -5.21 -31.51 2.33
C GLN B 118 -5.79 -30.76 1.14
N TRP B 119 -5.39 -29.50 0.98
CA TRP B 119 -5.78 -28.72 -0.19
C TRP B 119 -5.35 -29.41 -1.48
N ARG B 120 -4.10 -29.86 -1.53
CA ARG B 120 -3.55 -30.42 -2.76
C ARG B 120 -4.28 -31.69 -3.18
N LYS B 121 -4.87 -32.43 -2.25
CA LYS B 121 -5.53 -33.69 -2.58
C LYS B 121 -7.00 -33.51 -2.93
N GLN B 122 -7.75 -32.75 -2.13
CA GLN B 122 -9.20 -32.68 -2.32
C GLN B 122 -9.63 -31.56 -3.26
N GLY B 123 -8.78 -30.57 -3.50
CA GLY B 123 -9.19 -29.37 -4.20
C GLY B 123 -9.87 -28.38 -3.26
N ILE B 124 -9.85 -27.11 -3.67
CA ILE B 124 -10.39 -26.04 -2.83
C ILE B 124 -11.47 -25.29 -3.59
N THR B 125 -12.19 -24.44 -2.85
CA THR B 125 -13.32 -23.69 -3.36
C THR B 125 -12.94 -22.23 -3.56
N LEU B 126 -13.50 -21.63 -4.61
CA LEU B 126 -13.29 -20.24 -4.96
C LEU B 126 -14.56 -19.45 -4.76
N THR B 127 -14.41 -18.22 -4.28
CA THR B 127 -15.50 -17.28 -4.18
C THR B 127 -15.02 -15.94 -4.73
N LEU B 128 -15.96 -15.16 -5.29
CA LEU B 128 -15.60 -13.89 -5.92
C LEU B 128 -15.46 -12.81 -4.86
N SER B 129 -14.26 -12.25 -4.74
CA SER B 129 -14.01 -11.19 -3.74
C SER B 129 -14.70 -9.89 -4.15
N PRO B 130 -15.43 -9.23 -3.25
CA PRO B 130 -15.95 -7.89 -3.56
C PRO B 130 -14.87 -6.82 -3.59
N ILE B 131 -13.67 -7.09 -3.06
CA ILE B 131 -12.60 -6.12 -2.97
C ILE B 131 -11.80 -6.17 -4.27
N PRO B 132 -11.65 -5.04 -5.00
CA PRO B 132 -10.84 -5.05 -6.23
C PRO B 132 -9.38 -4.69 -5.98
N LEU B 133 -8.58 -4.78 -7.03
CA LEU B 133 -7.19 -4.33 -7.01
C LEU B 133 -7.04 -3.03 -7.78
N GLY B 134 -6.37 -2.05 -7.18
CA GLY B 134 -6.07 -0.82 -7.90
C GLY B 134 -5.08 -1.05 -9.03
N ARG B 135 -5.28 -0.33 -10.12
CA ARG B 135 -4.47 -0.48 -11.32
C ARG B 135 -3.35 0.56 -11.32
N ASN B 136 -2.11 0.08 -11.40
CA ASN B 136 -0.98 1.00 -11.43
C ASN B 136 0.21 0.26 -12.03
N PRO B 137 0.61 0.60 -13.25
CA PRO B 137 1.69 -0.15 -13.89
C PRO B 137 3.04 0.08 -13.25
N TYR B 138 3.20 1.12 -12.43
CA TYR B 138 4.47 1.31 -11.74
C TYR B 138 4.67 0.33 -10.59
N LEU B 139 3.59 -0.28 -10.08
CA LEU B 139 3.67 -1.26 -9.01
C LEU B 139 3.21 -2.65 -9.43
N ALA B 140 2.56 -2.79 -10.58
CA ALA B 140 2.09 -4.09 -11.08
C ALA B 140 3.22 -5.11 -11.11
N GLY B 141 2.90 -6.34 -10.72
CA GLY B 141 3.85 -7.44 -10.76
C GLY B 141 4.71 -7.57 -9.53
N LEU B 142 4.94 -6.47 -8.79
CA LEU B 142 5.86 -6.50 -7.66
C LEU B 142 5.18 -7.02 -6.41
N LYS B 143 5.87 -7.90 -5.69
CA LYS B 143 5.43 -8.32 -4.36
C LYS B 143 5.88 -7.30 -3.31
N HIS B 144 5.38 -6.06 -3.47
CA HIS B 144 5.73 -4.96 -2.58
C HIS B 144 4.97 -5.07 -1.26
N LEU B 145 5.37 -4.21 -0.30
CA LEU B 145 4.85 -4.26 1.07
C LEU B 145 3.47 -3.63 1.21
N ASN B 146 2.95 -2.94 0.20
CA ASN B 146 1.64 -2.31 0.28
C ASN B 146 0.58 -3.37 0.00
N ARG B 147 0.24 -4.13 1.04
CA ARG B 147 -0.60 -5.30 0.88
C ARG B 147 -1.92 -5.19 1.63
N LEU B 148 -2.37 -3.96 1.93
CA LEU B 148 -3.67 -3.77 2.59
C LEU B 148 -4.82 -4.36 1.76
N GLU B 149 -4.71 -4.36 0.44
CA GLU B 149 -5.80 -4.92 -0.36
C GLU B 149 -5.94 -6.42 -0.10
N GLN B 150 -4.82 -7.15 0.00
CA GLN B 150 -4.91 -8.57 0.31
C GLN B 150 -5.41 -8.79 1.73
N VAL B 151 -5.04 -7.92 2.67
CA VAL B 151 -5.55 -8.02 4.03
C VAL B 151 -7.07 -7.91 4.03
N LEU B 152 -7.62 -6.94 3.31
CA LEU B 152 -9.07 -6.81 3.24
C LEU B 152 -9.70 -7.99 2.50
N ILE B 153 -9.07 -8.43 1.42
CA ILE B 153 -9.57 -9.59 0.68
C ILE B 153 -9.64 -10.81 1.58
N ARG B 154 -8.58 -11.06 2.36
CA ARG B 154 -8.61 -12.19 3.27
C ARG B 154 -9.68 -12.02 4.33
N SER B 155 -9.87 -10.79 4.82
CA SER B 155 -10.89 -10.52 5.82
C SER B 155 -12.29 -10.81 5.29
N HIS B 156 -12.59 -10.37 4.06
CA HIS B 156 -13.92 -10.63 3.52
C HIS B 156 -14.09 -12.11 3.17
N LEU B 157 -13.01 -12.76 2.73
CA LEU B 157 -13.06 -14.19 2.42
C LEU B 157 -13.40 -15.02 3.66
N GLU B 158 -12.90 -14.61 4.82
CA GLU B 158 -13.13 -15.36 6.06
C GLU B 158 -14.58 -15.31 6.52
N GLN B 159 -15.37 -14.36 6.00
CA GLN B 159 -16.80 -14.34 6.28
C GLN B 159 -17.57 -15.37 5.48
N THR B 160 -16.90 -16.17 4.66
CA THR B 160 -17.57 -17.18 3.84
C THR B 160 -16.95 -18.55 4.11
N ASP B 161 -17.49 -19.56 3.42
CA ASP B 161 -17.04 -20.94 3.51
C ASP B 161 -16.02 -21.30 2.45
N ALA B 162 -15.54 -20.36 1.66
CA ALA B 162 -14.60 -20.65 0.61
C ALA B 162 -13.17 -20.58 1.14
N ASP B 163 -12.27 -21.31 0.47
CA ASP B 163 -10.87 -21.37 0.86
C ASP B 163 -10.03 -20.25 0.25
N GLU B 164 -10.31 -19.86 -0.98
CA GLU B 164 -9.57 -18.77 -1.62
C GLU B 164 -10.53 -17.89 -2.39
N ALA B 165 -10.05 -16.71 -2.77
CA ALA B 165 -10.85 -15.71 -3.43
C ALA B 165 -10.38 -15.53 -4.87
N LEU B 166 -11.33 -15.32 -5.77
CA LEU B 166 -11.05 -14.82 -7.11
C LEU B 166 -11.08 -13.29 -7.07
N VAL B 167 -10.00 -12.64 -7.49
CA VAL B 167 -9.81 -11.21 -7.29
C VAL B 167 -9.76 -10.48 -8.63
N LEU B 168 -10.62 -9.48 -8.79
CA LEU B 168 -10.65 -8.61 -9.96
C LEU B 168 -9.89 -7.31 -9.70
N ASP B 169 -9.47 -6.65 -10.79
CA ASP B 169 -9.00 -5.29 -10.65
C ASP B 169 -10.18 -4.32 -10.71
N SER B 170 -9.87 -3.03 -10.58
CA SER B 170 -10.89 -2.01 -10.41
C SER B 170 -11.79 -1.86 -11.62
N GLU B 171 -11.33 -2.31 -12.79
CA GLU B 171 -12.11 -2.28 -14.02
C GLU B 171 -12.83 -3.61 -14.31
N GLY B 172 -12.74 -4.60 -13.42
CA GLY B 172 -13.50 -5.82 -13.60
C GLY B 172 -12.79 -6.98 -14.24
N TRP B 173 -11.47 -6.91 -14.38
CA TRP B 173 -10.68 -7.95 -15.04
C TRP B 173 -10.07 -8.90 -14.01
N VAL B 174 -10.22 -10.20 -14.26
CA VAL B 174 -9.60 -11.23 -13.44
C VAL B 174 -8.10 -11.00 -13.38
N THR B 175 -7.55 -11.00 -12.18
CA THR B 175 -6.14 -10.70 -12.00
C THR B 175 -5.38 -11.82 -11.30
N GLU B 176 -5.84 -12.25 -10.13
CA GLU B 176 -5.16 -13.28 -9.35
C GLU B 176 -6.11 -13.74 -8.27
N CYS B 177 -5.59 -14.51 -7.31
CA CYS B 177 -6.32 -14.82 -6.10
C CYS B 177 -5.76 -13.98 -4.96
N CYS B 178 -6.16 -14.30 -3.74
CA CYS B 178 -5.74 -13.50 -2.59
C CYS B 178 -4.25 -13.61 -2.35
N ALA B 179 -3.71 -14.83 -2.36
CA ALA B 179 -2.31 -15.08 -2.09
C ALA B 179 -1.71 -16.01 -3.13
N ALA B 180 -2.17 -15.91 -4.37
CA ALA B 180 -1.71 -16.82 -5.41
C ALA B 180 -2.09 -16.28 -6.78
N ASN B 181 -1.37 -16.75 -7.78
CA ASN B 181 -1.73 -16.56 -9.17
C ASN B 181 -2.64 -17.69 -9.63
N LEU B 182 -3.37 -17.45 -10.72
CA LEU B 182 -4.28 -18.50 -11.18
C LEU B 182 -4.20 -18.68 -12.68
N PHE B 183 -4.38 -19.93 -13.10
CA PHE B 183 -4.52 -20.36 -14.48
C PHE B 183 -5.85 -21.06 -14.63
N TRP B 184 -6.41 -21.02 -15.84
CA TRP B 184 -7.58 -21.83 -16.15
C TRP B 184 -7.43 -22.41 -17.54
N ARG B 185 -8.17 -23.49 -17.79
CA ARG B 185 -8.04 -24.21 -19.05
C ARG B 185 -9.40 -24.51 -19.63
N THR B 186 -9.52 -24.28 -20.93
CA THR B 186 -10.66 -24.77 -21.70
C THR B 186 -10.09 -25.52 -22.90
N GLY B 187 -10.38 -26.82 -22.99
CA GLY B 187 -9.82 -27.62 -24.06
C GLY B 187 -8.32 -27.67 -23.97
N ASP B 188 -7.67 -27.39 -25.10
CA ASP B 188 -6.21 -27.44 -25.21
C ASP B 188 -5.56 -26.08 -24.98
N ILE B 189 -6.29 -25.10 -24.45
CA ILE B 189 -5.78 -23.74 -24.29
C ILE B 189 -5.77 -23.40 -22.81
N VAL B 190 -4.62 -22.92 -22.33
CA VAL B 190 -4.44 -22.51 -20.95
C VAL B 190 -4.36 -21.00 -20.90
N PHE B 191 -5.11 -20.39 -20.00
CA PHE B 191 -5.20 -18.95 -19.86
C PHE B 191 -4.62 -18.52 -18.52
N THR B 192 -4.02 -17.33 -18.50
CA THR B 192 -3.65 -16.71 -17.23
C THR B 192 -3.73 -15.19 -17.41
N PRO B 193 -4.09 -14.45 -16.38
CA PRO B 193 -4.26 -13.00 -16.55
C PRO B 193 -2.93 -12.30 -16.76
N ARG B 194 -2.92 -11.32 -17.66
CA ARG B 194 -1.76 -10.46 -17.81
C ARG B 194 -1.66 -9.52 -16.62
N LEU B 195 -0.45 -9.37 -16.07
CA LEU B 195 -0.27 -8.61 -14.84
C LEU B 195 0.50 -7.30 -15.07
N ASP B 196 0.15 -6.56 -16.12
CA ASP B 196 0.76 -5.27 -16.37
C ASP B 196 0.13 -4.13 -15.57
N GLN B 197 -1.05 -4.35 -14.98
CA GLN B 197 -1.77 -3.31 -14.27
C GLN B 197 -1.94 -3.56 -12.78
N ALA B 198 -2.01 -4.82 -12.35
CA ALA B 198 -2.17 -5.16 -10.94
C ALA B 198 -1.75 -6.62 -10.75
N GLY B 199 -1.66 -7.03 -9.48
CA GLY B 199 -1.31 -8.39 -9.14
C GLY B 199 0.20 -8.58 -8.99
N VAL B 200 0.57 -9.73 -8.45
CA VAL B 200 1.96 -10.09 -8.22
C VAL B 200 2.39 -11.10 -9.29
N ASN B 201 3.51 -10.82 -9.96
CA ASN B 201 4.03 -11.70 -11.00
C ASN B 201 4.85 -12.81 -10.34
N GLY B 202 4.16 -13.85 -9.91
CA GLY B 202 4.74 -14.80 -8.99
C GLY B 202 5.84 -15.65 -9.59
N ILE B 203 6.69 -16.15 -8.69
CA ILE B 203 7.80 -17.02 -9.08
C ILE B 203 7.27 -18.34 -9.62
N MET B 204 6.22 -18.88 -8.99
CA MET B 204 5.59 -20.11 -9.46
C MET B 204 4.82 -19.86 -10.77
N ARG B 205 4.24 -18.67 -10.93
CA ARG B 205 3.59 -18.31 -12.18
C ARG B 205 4.61 -18.29 -13.32
N GLN B 206 5.74 -17.61 -13.11
CA GLN B 206 6.77 -17.56 -14.15
C GLN B 206 7.32 -18.96 -14.44
N PHE B 207 7.34 -19.83 -13.43
CA PHE B 207 7.85 -21.17 -13.62
C PHE B 207 6.89 -22.01 -14.46
N CYS B 208 5.59 -21.89 -14.20
CA CYS B 208 4.62 -22.67 -14.97
C CYS B 208 4.59 -22.21 -16.42
N LEU B 209 4.65 -20.90 -16.67
CA LEU B 209 4.71 -20.42 -18.05
C LEU B 209 5.94 -20.95 -18.78
N ARG B 210 7.08 -21.06 -18.07
CA ARG B 210 8.28 -21.56 -18.71
C ARG B 210 8.15 -23.03 -19.11
N GLN B 211 7.34 -23.80 -18.37
CA GLN B 211 7.12 -25.21 -18.71
C GLN B 211 5.97 -25.40 -19.68
N LEU B 212 4.93 -24.56 -19.60
CA LEU B 212 3.84 -24.65 -20.56
C LEU B 212 4.25 -24.24 -21.96
N ALA B 213 5.41 -23.58 -22.11
CA ALA B 213 5.87 -23.18 -23.43
C ALA B 213 6.27 -24.36 -24.30
N GLN B 214 6.54 -25.52 -23.70
CA GLN B 214 6.77 -26.78 -24.43
C GLN B 214 5.87 -27.82 -23.77
N SER B 215 4.63 -27.90 -24.24
CA SER B 215 3.60 -28.70 -23.59
C SER B 215 2.52 -29.00 -24.61
N PRO B 216 1.54 -29.85 -24.27
CA PRO B 216 0.42 -30.07 -25.19
C PRO B 216 -0.64 -28.99 -25.13
N PHE B 217 -0.32 -27.85 -24.54
CA PHE B 217 -1.26 -26.75 -24.37
C PHE B 217 -0.81 -25.51 -25.12
N GLN B 218 -1.77 -24.78 -25.69
CA GLN B 218 -1.53 -23.39 -26.08
C GLN B 218 -1.65 -22.50 -24.86
N VAL B 219 -0.94 -21.36 -24.88
CA VAL B 219 -0.89 -20.45 -23.73
C VAL B 219 -1.27 -19.05 -24.19
N LEU B 220 -2.16 -18.41 -23.44
CA LEU B 220 -2.54 -17.02 -23.71
C LEU B 220 -2.56 -16.23 -22.40
N GLU B 221 -1.86 -15.11 -22.38
CA GLU B 221 -2.03 -14.11 -21.34
C GLU B 221 -3.20 -13.22 -21.75
N VAL B 222 -4.25 -13.17 -20.93
CA VAL B 222 -5.50 -12.58 -21.36
C VAL B 222 -5.93 -11.48 -20.41
N GLN B 223 -6.93 -10.73 -20.85
CA GLN B 223 -7.66 -9.73 -20.07
C GLN B 223 -9.11 -10.19 -20.12
N ALA B 224 -9.57 -10.86 -19.07
CA ALA B 224 -10.81 -11.60 -19.09
C ALA B 224 -11.73 -11.20 -17.93
N ARG B 225 -13.03 -11.32 -18.18
CA ARG B 225 -14.07 -11.19 -17.16
C ARG B 225 -14.18 -12.48 -16.35
N GLU B 226 -14.85 -12.41 -15.20
CA GLU B 226 -14.99 -13.58 -14.35
C GLU B 226 -15.82 -14.69 -15.00
N GLU B 227 -16.62 -14.37 -16.02
CA GLU B 227 -17.37 -15.42 -16.72
C GLU B 227 -16.44 -16.46 -17.35
N ALA B 228 -15.32 -16.01 -17.91
CA ALA B 228 -14.37 -16.93 -18.53
C ALA B 228 -13.86 -17.94 -17.52
N VAL B 229 -13.67 -17.52 -16.27
CA VAL B 229 -13.28 -18.44 -15.20
C VAL B 229 -14.42 -19.40 -14.88
N ARG B 230 -15.66 -18.88 -14.83
CA ARG B 230 -16.78 -19.74 -14.48
C ARG B 230 -17.02 -20.79 -15.55
N GLN B 231 -16.73 -20.47 -16.81
CA GLN B 231 -16.97 -21.39 -17.91
C GLN B 231 -15.75 -22.24 -18.26
N ALA B 232 -14.69 -22.15 -17.47
CA ALA B 232 -13.48 -22.93 -17.78
C ALA B 232 -13.70 -24.40 -17.42
N ASP B 233 -12.91 -25.26 -18.08
CA ASP B 233 -12.92 -26.69 -17.74
C ASP B 233 -12.22 -26.94 -16.41
N GLU B 234 -11.14 -26.21 -16.14
CA GLU B 234 -10.27 -26.48 -15.00
C GLU B 234 -9.62 -25.19 -14.55
N ILE B 235 -9.48 -25.01 -13.25
CA ILE B 235 -8.79 -23.87 -12.65
C ILE B 235 -7.73 -24.39 -11.69
N ILE B 236 -6.56 -23.75 -11.69
CA ILE B 236 -5.53 -24.03 -10.70
C ILE B 236 -4.96 -22.72 -10.19
N ILE B 237 -4.43 -22.75 -8.97
CA ILE B 237 -3.73 -21.61 -8.39
C ILE B 237 -2.34 -22.08 -7.97
N CYS B 238 -1.46 -21.11 -7.79
CA CYS B 238 -0.05 -21.44 -7.56
C CYS B 238 0.63 -20.30 -6.84
N ASN B 239 1.56 -20.64 -5.96
CA ASN B 239 2.55 -19.72 -5.42
C ASN B 239 3.78 -20.53 -5.03
N ALA B 240 4.80 -19.83 -4.53
CA ALA B 240 6.06 -20.51 -4.24
C ALA B 240 5.96 -21.56 -3.13
N LEU B 241 4.87 -21.54 -2.35
CA LEU B 241 4.75 -22.40 -1.18
C LEU B 241 3.83 -23.60 -1.40
N MET B 242 2.72 -23.42 -2.13
CA MET B 242 1.68 -24.45 -2.21
C MET B 242 2.19 -25.79 -2.74
N PRO B 243 2.88 -25.87 -3.90
CA PRO B 243 3.19 -24.87 -4.92
C PRO B 243 2.03 -24.71 -5.90
N ILE B 244 1.13 -25.69 -5.97
CA ILE B 244 0.02 -25.63 -6.90
C ILE B 244 -1.16 -26.41 -6.33
N ILE B 245 -2.35 -25.81 -6.43
CA ILE B 245 -3.57 -26.38 -5.86
C ILE B 245 -4.67 -26.33 -6.90
N PRO B 246 -5.41 -27.42 -7.11
CA PRO B 246 -6.54 -27.37 -8.04
C PRO B 246 -7.79 -26.80 -7.38
N ILE B 247 -8.68 -26.27 -8.23
CA ILE B 247 -9.96 -25.74 -7.78
C ILE B 247 -11.03 -26.79 -8.05
N ARG B 248 -11.76 -27.18 -7.01
CA ARG B 248 -12.82 -28.17 -7.17
C ARG B 248 -14.20 -27.54 -7.32
N ALA B 249 -14.38 -26.28 -6.92
CA ALA B 249 -15.67 -25.63 -7.04
C ALA B 249 -15.48 -24.13 -7.11
N TYR B 250 -16.33 -23.47 -7.90
CA TYR B 250 -16.41 -22.01 -7.95
C TYR B 250 -17.79 -21.62 -8.42
N HIS B 251 -18.46 -20.75 -7.66
CA HIS B 251 -19.76 -20.18 -8.06
C HIS B 251 -20.79 -21.27 -8.35
N GLY B 252 -20.81 -22.31 -7.52
CA GLY B 252 -21.77 -23.39 -7.65
C GLY B 252 -21.40 -24.51 -8.60
N THR B 253 -20.82 -24.18 -9.75
CA THR B 253 -20.42 -25.22 -10.69
C THR B 253 -19.22 -26.00 -10.14
N SER B 254 -19.15 -27.28 -10.50
CA SER B 254 -18.13 -28.20 -10.03
C SER B 254 -17.09 -28.41 -11.13
N TYR B 255 -15.82 -28.51 -10.72
CA TYR B 255 -14.69 -28.66 -11.65
C TYR B 255 -13.99 -29.99 -11.37
N SER B 256 -14.24 -31.00 -12.20
CA SER B 256 -13.70 -32.33 -11.96
C SER B 256 -12.37 -32.59 -12.65
N SER B 257 -12.15 -32.00 -13.83
CA SER B 257 -10.95 -32.30 -14.62
C SER B 257 -9.68 -31.91 -13.87
N ARG B 258 -8.64 -32.75 -14.01
CA ARG B 258 -7.35 -32.48 -13.41
C ARG B 258 -6.23 -32.53 -14.44
N THR B 259 -6.55 -32.33 -15.72
CA THR B 259 -5.55 -32.50 -16.78
C THR B 259 -4.41 -31.50 -16.64
N LEU B 260 -4.74 -30.20 -16.50
CA LEU B 260 -3.69 -29.20 -16.33
C LEU B 260 -2.90 -29.44 -15.06
N PHE B 261 -3.59 -29.71 -13.95
CA PHE B 261 -2.89 -29.92 -12.68
C PHE B 261 -1.90 -31.09 -12.76
N GLN B 262 -2.31 -32.18 -13.40
CA GLN B 262 -1.44 -33.35 -13.50
C GLN B 262 -0.20 -33.10 -14.36
N PHE B 263 -0.27 -32.17 -15.32
CA PHE B 263 0.92 -31.84 -16.10
C PHE B 263 1.90 -30.98 -15.31
N LEU B 264 1.40 -29.99 -14.57
CA LEU B 264 2.29 -29.07 -13.88
C LEU B 264 2.80 -29.62 -12.55
N ALA B 265 2.00 -30.41 -11.85
CA ALA B 265 2.36 -30.89 -10.51
C ALA B 265 3.75 -31.53 -10.44
N PRO B 266 4.16 -32.42 -11.34
CA PRO B 266 5.51 -33.01 -11.20
C PRO B 266 6.64 -32.01 -11.36
N PHE B 267 6.45 -30.99 -12.20
CA PHE B 267 7.45 -29.93 -12.34
C PHE B 267 7.56 -29.11 -11.06
N CYS B 268 6.42 -28.54 -10.61
CA CYS B 268 6.44 -27.62 -9.47
C CYS B 268 6.86 -28.35 -8.19
N GLU B 269 6.19 -29.46 -7.89
CA GLU B 269 6.42 -30.17 -6.63
C GLU B 269 7.77 -30.87 -6.58
N HIS B 270 8.60 -30.75 -7.63
CA HIS B 270 10.00 -31.08 -7.44
C HIS B 270 10.69 -29.83 -6.92
N PRO B 271 11.02 -29.78 -5.63
CA PRO B 271 11.54 -28.55 -5.02
C PRO B 271 12.99 -28.32 -5.43
N ASN B 272 13.23 -27.24 -6.18
CA ASN B 272 14.58 -26.93 -6.66
C ASN B 272 14.88 -25.44 -6.52
O1 MES C . -1.55 12.55 1.46
C2 MES C . -2.76 12.99 0.81
C3 MES C . -3.27 14.36 1.27
N4 MES C . -3.05 14.53 2.71
C5 MES C . -1.74 14.15 3.24
C6 MES C . -1.54 12.69 2.86
C7 MES C . -3.71 15.67 3.36
C8 MES C . -4.53 15.10 4.52
S MES C . -4.71 16.11 5.86
O1S MES C . -5.42 17.37 5.54
O2S MES C . -5.53 15.36 6.84
O3S MES C . -3.40 16.44 6.48
O1 MES D . -5.60 -21.08 6.68
C2 MES D . -4.49 -20.57 7.42
C3 MES D . -4.30 -19.08 7.11
N4 MES D . -4.26 -18.87 5.66
C5 MES D . -5.22 -19.55 4.81
C6 MES D . -5.35 -21.00 5.27
C7 MES D . -3.96 -17.50 5.28
C8 MES D . -3.28 -17.52 3.92
S MES D . -3.25 -15.99 3.25
O1S MES D . -3.75 -14.99 4.22
O2S MES D . -4.12 -15.96 2.06
O3S MES D . -1.84 -15.67 2.89
S SO4 E . -17.82 0.34 -0.17
O1 SO4 E . -18.73 -0.44 0.67
O2 SO4 E . -18.22 1.75 -0.15
O3 SO4 E . -16.46 0.23 0.35
O4 SO4 E . -17.87 -0.16 -1.54
CL CL F . 1.10 15.02 5.10
CL CL G . -13.28 8.94 4.21
O1 MES H . 0.25 -12.21 -3.61
C2 MES H . 1.09 -12.85 -2.64
C3 MES H . 1.25 -14.34 -2.91
N4 MES H . 1.70 -14.45 -4.29
C5 MES H . 1.01 -13.73 -5.35
C6 MES H . -0.19 -13.06 -4.68
C7 MES H . 2.57 -15.57 -4.61
C8 MES H . 3.53 -15.21 -5.73
S MES H . 4.73 -16.37 -5.77
O1S MES H . 4.78 -17.13 -4.50
O2S MES H . 4.43 -17.30 -6.89
O3S MES H . 6.06 -15.74 -5.99
O1 MES I . 11.12 19.92 0.74
C2 MES I . 11.29 18.96 1.78
C3 MES I . 10.75 17.58 1.35
N4 MES I . 9.39 17.75 0.85
C5 MES I . 9.15 18.78 -0.15
C6 MES I . 9.75 20.08 0.38
C7 MES I . 8.65 16.50 0.72
C8 MES I . 7.20 16.69 1.15
S MES I . 6.36 15.27 0.87
O1S MES I . 5.96 14.63 2.14
O2S MES I . 5.16 15.59 0.07
O3S MES I . 7.20 14.33 0.09
C1 EDO J . -15.62 -6.70 -7.17
O1 EDO J . -14.32 -6.38 -7.68
C2 EDO J . -16.10 -8.02 -7.77
O2 EDO J . -17.39 -8.34 -7.21
S SO4 K . -11.47 -27.82 1.74
O1 SO4 K . -12.76 -27.34 1.25
O2 SO4 K . -10.88 -26.82 2.62
O3 SO4 K . -11.66 -29.06 2.47
O4 SO4 K . -10.57 -28.06 0.62
S SO4 L . 6.06 1.66 -16.47
O1 SO4 L . 6.17 1.40 -15.03
O2 SO4 L . 4.86 2.45 -16.74
O3 SO4 L . 5.99 0.39 -17.18
O4 SO4 L . 7.23 2.41 -16.90
CL CL M . 2.46 -15.69 -0.03
#